data_4NIE
#
_entry.id   4NIE
#
_cell.length_a   67.085
_cell.length_b   86.349
_cell.length_c   91.980
_cell.angle_alpha   90.00
_cell.angle_beta   90.00
_cell.angle_gamma   90.00
#
_symmetry.space_group_name_H-M   'P 21 21 21'
#
loop_
_entity.id
_entity.type
_entity.pdbx_description
1 polymer 'Nuclear receptor ROR-gamma'
2 polymer 'Peptide from Nuclear receptor coactivator 2'
3 non-polymer N-(4-{[benzyl(propyl)amino]methyl}phenyl)-2-[4-(ethylsulfonyl)phenyl]acetamide
4 non-polymer 3-[BENZYL(DIMETHYL)AMMONIO]PROPANE-1-SULFONATE
5 water water
#
loop_
_entity_poly.entity_id
_entity_poly.type
_entity_poly.pdbx_seq_one_letter_code
_entity_poly.pdbx_strand_id
1 'polypeptide(L)'
;MKKHHHHHHLVPRGSPYASLTEIEHLVQSVCKSYRETCQLRLEDLLRQRSNIFSREEVTGYQRKSMWEMWERCAHHLTEA
IQYVVEFAKRLSGFMELCQNDQIVLLKAGAMEVVLVRMCRAYNADNRTVFFEGKYGGMELFRALGCSELISSIFDFSHSL
SALHFSEDEIALYTALVLINAHRPGLQEKRKVEQLQYNLELAFHHHLCKTHRQSILAKLPPKGKLRSLCSQHVERLQIFQ
HLHPIVVQAAFPPLYKELFSTE
;
A,B
2 'polypeptide(L)' KHKILHRLLQDS C,D
#
loop_
_chem_comp.id
_chem_comp.type
_chem_comp.name
_chem_comp.formula
DMX non-polymer 3-[BENZYL(DIMETHYL)AMMONIO]PROPANE-1-SULFONATE 'C12 H19 N O3 S'
NBH non-polymer N-(4-{[benzyl(propyl)amino]methyl}phenyl)-2-[4-(ethylsulfonyl)phenyl]acetamide 'C27 H32 N2 O3 S'
#
# COMPACT_ATOMS: atom_id res chain seq x y z
N TYR A 17 -3.24 -2.14 44.62
CA TYR A 17 -4.63 -2.73 44.72
C TYR A 17 -5.65 -1.79 44.07
N ALA A 18 -5.91 -1.99 42.79
CA ALA A 18 -6.78 -1.07 42.02
C ALA A 18 -8.17 -0.88 42.67
N SER A 19 -8.43 0.33 43.18
CA SER A 19 -9.72 0.66 43.79
C SER A 19 -10.85 0.75 42.77
N LEU A 20 -12.09 0.83 43.23
CA LEU A 20 -13.25 0.95 42.34
C LEU A 20 -13.13 2.18 41.43
N THR A 21 -12.75 3.31 42.02
CA THR A 21 -12.50 4.53 41.25
C THR A 21 -11.38 4.35 40.23
N GLU A 22 -10.29 3.71 40.64
CA GLU A 22 -9.15 3.45 39.74
C GLU A 22 -9.54 2.51 38.59
N ILE A 23 -10.35 1.51 38.89
CA ILE A 23 -10.87 0.61 37.85
C ILE A 23 -11.78 1.39 36.89
N GLU A 24 -12.72 2.16 37.41
CA GLU A 24 -13.57 3.03 36.57
C GLU A 24 -12.74 3.98 35.69
N HIS A 25 -11.69 4.59 36.25
CA HIS A 25 -10.82 5.46 35.46
C HIS A 25 -10.05 4.66 34.40
N LEU A 26 -9.68 3.43 34.73
CA LEU A 26 -9.01 2.57 33.76
C LEU A 26 -9.91 2.20 32.57
N VAL A 27 -11.17 1.90 32.86
CA VAL A 27 -12.16 1.68 31.81
C VAL A 27 -12.21 2.86 30.86
N GLN A 28 -12.37 4.06 31.41
CA GLN A 28 -12.50 5.25 30.58
C GLN A 28 -11.24 5.48 29.78
N SER A 29 -10.08 5.29 30.41
CA SER A 29 -8.78 5.46 29.76
C SER A 29 -8.58 4.53 28.57
N VAL A 30 -8.93 3.26 28.75
CA VAL A 30 -8.82 2.26 27.69
C VAL A 30 -9.78 2.60 26.54
N CYS A 31 -11.02 2.94 26.87
CA CYS A 31 -11.98 3.29 25.84
C CYS A 31 -11.52 4.54 25.05
N LYS A 32 -10.92 5.51 25.75
CA LYS A 32 -10.39 6.73 25.12
C LYS A 32 -9.25 6.42 24.16
N SER A 33 -8.31 5.59 24.59
CA SER A 33 -7.17 5.22 23.75
C SER A 33 -7.64 4.51 22.48
N TYR A 34 -8.59 3.60 22.63
CA TYR A 34 -9.15 2.89 21.49
C TYR A 34 -9.88 3.86 20.54
N ARG A 35 -10.77 4.68 21.06
CA ARG A 35 -11.53 5.65 20.24
C ARG A 35 -10.59 6.52 19.40
N GLU A 36 -9.45 6.92 19.97
CA GLU A 36 -8.50 7.79 19.27
C GLU A 36 -7.64 7.09 18.22
N THR A 37 -7.67 5.76 18.20
CA THR A 37 -6.78 4.98 17.34
C THR A 37 -7.53 3.87 16.60
N CYS A 38 -8.88 3.97 16.48
CA CYS A 38 -9.67 2.85 15.96
C CYS A 38 -9.65 2.71 14.45
N GLN A 39 -9.07 3.61 13.77
CA GLN A 39 -8.76 3.58 12.36
C GLN A 39 -9.91 4.05 11.47
N LEU A 40 -10.94 3.23 11.31
CA LEU A 40 -12.13 3.65 10.59
C LEU A 40 -13.28 3.84 11.54
N ARG A 41 -14.08 4.86 11.28
CA ARG A 41 -15.28 5.10 12.07
C ARG A 41 -16.27 3.97 11.77
N LEU A 42 -16.88 3.45 12.82
CA LEU A 42 -17.81 2.33 12.70
C LEU A 42 -18.98 2.72 11.80
N GLU A 43 -19.50 3.92 12.00
CA GLU A 43 -20.65 4.42 11.22
C GLU A 43 -20.37 4.35 9.73
N ASP A 44 -19.14 4.72 9.34
CA ASP A 44 -18.72 4.64 7.94
C ASP A 44 -18.65 3.20 7.44
N LEU A 45 -18.12 2.30 8.26
CA LEU A 45 -18.05 0.89 7.89
C LEU A 45 -19.44 0.30 7.65
N LEU A 46 -20.35 0.58 8.57
CA LEU A 46 -21.72 0.06 8.50
C LEU A 46 -22.52 0.62 7.34
N ARG A 47 -22.41 1.93 7.11
CA ARG A 47 -23.11 2.55 5.98
C ARG A 47 -22.58 2.02 4.62
N GLN A 48 -21.32 1.62 4.58
CA GLN A 48 -20.72 1.09 3.34
C GLN A 48 -21.12 -0.35 3.03
N ARG A 49 -21.75 -1.03 3.98
CA ARG A 49 -22.13 -2.44 3.83
C ARG A 49 -22.97 -2.74 2.59
N SER A 50 -23.71 -1.74 2.14
CA SER A 50 -24.49 -1.84 0.90
C SER A 50 -23.63 -1.77 -0.38
N ASN A 51 -22.36 -1.36 -0.26
CA ASN A 51 -21.44 -1.23 -1.40
C ASN A 51 -20.58 -2.48 -1.53
N ILE A 52 -20.98 -3.35 -2.44
CA ILE A 52 -20.37 -4.68 -2.59
C ILE A 52 -19.74 -4.78 -3.98
N PHE A 53 -18.53 -5.34 -4.05
CA PHE A 53 -17.85 -5.56 -5.33
C PHE A 53 -18.71 -6.39 -6.27
N SER A 54 -18.76 -5.99 -7.54
CA SER A 54 -19.51 -6.72 -8.58
C SER A 54 -18.74 -7.96 -9.00
N ARG A 55 -19.42 -8.82 -9.76
CA ARG A 55 -18.80 -10.03 -10.30
C ARG A 55 -17.59 -9.67 -11.16
N GLU A 56 -17.74 -8.62 -11.96
CA GLU A 56 -16.64 -8.15 -12.81
C GLU A 56 -15.46 -7.71 -11.95
N GLU A 57 -15.72 -6.95 -10.91
CA GLU A 57 -14.67 -6.46 -10.01
C GLU A 57 -14.01 -7.60 -9.23
N VAL A 58 -14.79 -8.60 -8.84
CA VAL A 58 -14.26 -9.80 -8.20
C VAL A 58 -13.33 -10.53 -9.16
N THR A 59 -13.76 -10.69 -10.40
CA THR A 59 -12.94 -11.33 -11.44
C THR A 59 -11.58 -10.60 -11.56
N GLY A 60 -11.63 -9.27 -11.59
CA GLY A 60 -10.42 -8.45 -11.67
C GLY A 60 -9.42 -8.78 -10.58
N TYR A 61 -9.90 -8.82 -9.34
CA TYR A 61 -9.05 -9.20 -8.21
C TYR A 61 -8.50 -10.62 -8.34
N GLN A 62 -9.34 -11.55 -8.78
CA GLN A 62 -8.91 -12.94 -8.96
C GLN A 62 -7.88 -13.11 -10.07
N ARG A 63 -7.84 -12.16 -10.99
CA ARG A 63 -6.87 -12.17 -12.09
C ARG A 63 -5.57 -11.41 -11.78
N LYS A 64 -5.54 -10.69 -10.66
CA LYS A 64 -4.29 -10.08 -10.22
C LYS A 64 -3.25 -11.15 -9.97
N SER A 65 -1.99 -10.80 -10.18
CA SER A 65 -0.89 -11.69 -9.87
C SER A 65 -0.82 -11.90 -8.36
N MET A 66 -0.24 -13.04 -7.98
CA MET A 66 -0.03 -13.34 -6.57
C MET A 66 0.76 -12.24 -5.89
N TRP A 67 1.81 -11.75 -6.57
CA TRP A 67 2.71 -10.78 -5.96
C TRP A 67 1.99 -9.46 -5.67
N GLU A 68 1.17 -9.01 -6.62
CA GLU A 68 0.49 -7.73 -6.47
C GLU A 68 -0.52 -7.76 -5.34
N MET A 69 -1.26 -8.87 -5.24
CA MET A 69 -2.27 -9.03 -4.21
C MET A 69 -1.64 -9.10 -2.81
N TRP A 70 -0.54 -9.85 -2.67
CA TRP A 70 0.19 -9.89 -1.41
C TRP A 70 0.72 -8.51 -1.04
N GLU A 71 1.31 -7.84 -2.02
CA GLU A 71 1.84 -6.50 -1.82
C GLU A 71 0.76 -5.52 -1.32
N ARG A 72 -0.40 -5.53 -1.97
CA ARG A 72 -1.54 -4.72 -1.52
C ARG A 72 -2.00 -5.08 -0.10
N CYS A 73 -2.19 -6.37 0.15
CA CYS A 73 -2.65 -6.83 1.45
C CYS A 73 -1.63 -6.57 2.55
N ALA A 74 -0.35 -6.73 2.23
CA ALA A 74 0.73 -6.39 3.17
C ALA A 74 0.69 -4.90 3.55
N HIS A 75 0.50 -4.02 2.58
CA HIS A 75 0.39 -2.59 2.84
CA HIS A 75 0.42 -2.58 2.87
C HIS A 75 -0.81 -2.27 3.74
N HIS A 76 -1.97 -2.83 3.41
CA HIS A 76 -3.18 -2.60 4.20
C HIS A 76 -3.04 -3.11 5.63
N LEU A 77 -2.40 -4.26 5.82
CA LEU A 77 -2.23 -4.79 7.16
C LEU A 77 -1.28 -3.89 7.97
N THR A 78 -0.23 -3.40 7.31
CA THR A 78 0.74 -2.54 7.97
C THR A 78 0.10 -1.23 8.43
N GLU A 79 -0.79 -0.68 7.60
CA GLU A 79 -1.55 0.50 7.98
C GLU A 79 -2.35 0.22 9.26
N ALA A 80 -3.06 -0.91 9.31
CA ALA A 80 -3.82 -1.31 10.51
C ALA A 80 -2.92 -1.49 11.73
N ILE A 81 -1.77 -2.12 11.53
CA ILE A 81 -0.80 -2.36 12.58
C ILE A 81 -0.29 -1.04 13.17
N GLN A 82 -0.07 -0.03 12.33
CA GLN A 82 0.40 1.26 12.84
C GLN A 82 -0.59 1.90 13.83
N TYR A 83 -1.89 1.68 13.60
CA TYR A 83 -2.90 2.17 14.54
C TYR A 83 -2.85 1.41 15.86
N VAL A 84 -2.56 0.11 15.79
CA VAL A 84 -2.48 -0.73 16.97
C VAL A 84 -1.23 -0.38 17.79
N VAL A 85 -0.14 -0.03 17.11
CA VAL A 85 1.06 0.43 17.79
C VAL A 85 0.73 1.69 18.58
N GLU A 86 0.03 2.63 17.96
CA GLU A 86 -0.34 3.87 18.63
C GLU A 86 -1.27 3.60 19.81
N PHE A 87 -2.21 2.68 19.62
CA PHE A 87 -3.12 2.25 20.67
C PHE A 87 -2.33 1.80 21.90
N ALA A 88 -1.35 0.93 21.67
CA ALA A 88 -0.47 0.46 22.74
C ALA A 88 0.27 1.62 23.44
N LYS A 89 0.85 2.51 22.66
CA LYS A 89 1.56 3.65 23.22
C LYS A 89 0.66 4.52 24.08
N ARG A 90 -0.63 4.59 23.76
CA ARG A 90 -1.58 5.38 24.54
C ARG A 90 -2.28 4.57 25.62
N LEU A 91 -2.06 3.25 25.66
CA LEU A 91 -2.71 2.39 26.66
C LEU A 91 -2.01 2.52 28.01
N SER A 92 -2.77 2.92 29.04
CA SER A 92 -2.15 3.23 30.33
C SER A 92 -1.48 1.97 30.88
N GLY A 93 -0.27 2.12 31.40
CA GLY A 93 0.53 1.00 31.88
C GLY A 93 1.52 0.46 30.85
N PHE A 94 1.23 0.61 29.56
CA PHE A 94 2.05 -0.05 28.54
C PHE A 94 3.45 0.57 28.42
N MET A 95 3.52 1.89 28.34
CA MET A 95 4.80 2.59 28.19
C MET A 95 5.62 2.53 29.48
N GLU A 96 4.97 2.18 30.58
CA GLU A 96 5.64 1.97 31.85
C GLU A 96 6.34 0.60 31.91
N LEU A 97 5.97 -0.32 31.01
CA LEU A 97 6.66 -1.61 30.90
C LEU A 97 8.05 -1.39 30.33
N CYS A 98 8.98 -2.30 30.63
CA CYS A 98 10.32 -2.21 30.06
C CYS A 98 10.25 -2.35 28.53
N GLN A 99 11.25 -1.76 27.87
CA GLN A 99 11.29 -1.69 26.40
C GLN A 99 11.22 -3.08 25.76
N ASN A 100 12.00 -4.02 26.27
CA ASN A 100 11.97 -5.39 25.79
C ASN A 100 10.54 -5.93 25.75
N ASP A 101 9.82 -5.77 26.85
CA ASP A 101 8.47 -6.33 26.98
C ASP A 101 7.46 -5.63 26.08
N GLN A 102 7.60 -4.32 25.93
CA GLN A 102 6.83 -3.56 24.95
C GLN A 102 6.93 -4.17 23.54
N ILE A 103 8.16 -4.50 23.15
CA ILE A 103 8.43 -5.08 21.84
C ILE A 103 7.87 -6.50 21.75
N VAL A 104 8.11 -7.32 22.77
CA VAL A 104 7.56 -8.68 22.82
C VAL A 104 6.04 -8.65 22.67
N LEU A 105 5.39 -7.78 23.42
CA LEU A 105 3.92 -7.74 23.40
C LEU A 105 3.39 -7.31 22.02
N LEU A 106 4.01 -6.29 21.42
CA LEU A 106 3.59 -5.81 20.10
C LEU A 106 3.92 -6.79 18.98
N LYS A 107 5.09 -7.41 19.04
CA LYS A 107 5.44 -8.35 17.98
C LYS A 107 4.49 -9.54 17.93
N ALA A 108 4.09 -10.05 19.09
CA ALA A 108 3.13 -11.15 19.15
C ALA A 108 1.69 -10.69 18.99
N GLY A 109 1.37 -9.52 19.54
CA GLY A 109 -0.02 -9.07 19.72
C GLY A 109 -0.61 -8.19 18.63
N ALA A 110 0.24 -7.47 17.90
CA ALA A 110 -0.24 -6.53 16.89
C ALA A 110 -1.19 -7.17 15.88
N MET A 111 -0.81 -8.31 15.30
CA MET A 111 -1.65 -9.02 14.34
C MET A 111 -2.91 -9.55 15.01
N GLU A 112 -2.78 -10.08 16.23
CA GLU A 112 -3.95 -10.52 16.99
C GLU A 112 -4.96 -9.40 17.20
N VAL A 113 -4.51 -8.19 17.53
CA VAL A 113 -5.42 -7.05 17.72
C VAL A 113 -6.10 -6.64 16.41
N VAL A 114 -5.36 -6.67 15.31
CA VAL A 114 -5.95 -6.35 13.99
C VAL A 114 -7.03 -7.39 13.65
N LEU A 115 -6.74 -8.66 13.90
CA LEU A 115 -7.69 -9.72 13.59
C LEU A 115 -9.01 -9.52 14.33
N VAL A 116 -8.92 -9.09 15.60
CA VAL A 116 -10.11 -8.80 16.40
C VAL A 116 -10.80 -7.55 15.89
N ARG A 117 -10.04 -6.46 15.70
CA ARG A 117 -10.60 -5.21 15.16
C ARG A 117 -11.32 -5.40 13.84
N MET A 118 -10.83 -6.32 13.03
CA MET A 118 -11.37 -6.61 11.69
CA MET A 118 -11.38 -6.56 11.69
C MET A 118 -12.87 -6.97 11.70
N CYS A 119 -13.35 -7.57 12.80
CA CYS A 119 -14.77 -7.98 12.86
C CYS A 119 -15.76 -6.82 12.67
N ARG A 120 -15.30 -5.61 12.98
CA ARG A 120 -16.01 -4.36 12.71
C ARG A 120 -16.28 -4.17 11.22
N ALA A 121 -15.32 -4.61 10.41
CA ALA A 121 -15.39 -4.47 8.96
C ALA A 121 -15.96 -5.70 8.29
N TYR A 122 -16.49 -6.64 9.09
CA TYR A 122 -17.08 -7.88 8.56
C TYR A 122 -18.61 -7.87 8.66
N ASN A 123 -19.27 -8.17 7.54
CA ASN A 123 -20.73 -8.31 7.47
C ASN A 123 -21.16 -9.78 7.51
N ALA A 124 -21.66 -10.20 8.66
CA ALA A 124 -22.08 -11.58 8.88
C ALA A 124 -23.23 -12.00 7.97
N ASP A 125 -24.06 -11.05 7.56
CA ASP A 125 -25.24 -11.34 6.75
C ASP A 125 -24.90 -11.94 5.38
N ASN A 126 -23.82 -11.46 4.77
CA ASN A 126 -23.40 -11.97 3.45
C ASN A 126 -21.94 -12.44 3.41
N ARG A 127 -21.31 -12.55 4.58
CA ARG A 127 -19.92 -13.01 4.69
C ARG A 127 -18.96 -12.22 3.80
N THR A 128 -18.98 -10.90 3.95
CA THR A 128 -18.08 -10.02 3.20
C THR A 128 -17.26 -9.17 4.17
N VAL A 129 -16.09 -8.75 3.71
CA VAL A 129 -15.24 -7.85 4.47
C VAL A 129 -14.94 -6.59 3.65
N PHE A 130 -14.76 -5.48 4.35
CA PHE A 130 -14.43 -4.20 3.71
C PHE A 130 -12.98 -4.25 3.27
N PHE A 131 -12.77 -4.04 1.98
CA PHE A 131 -11.44 -4.09 1.39
C PHE A 131 -11.38 -3.14 0.22
N GLU A 132 -10.46 -2.18 0.27
CA GLU A 132 -10.25 -1.21 -0.81
C GLU A 132 -11.55 -0.61 -1.34
N GLY A 133 -12.37 -0.10 -0.43
CA GLY A 133 -13.50 0.77 -0.77
C GLY A 133 -14.86 0.10 -0.89
N LYS A 134 -14.89 -1.23 -0.93
CA LYS A 134 -16.15 -1.97 -1.02
C LYS A 134 -16.09 -3.26 -0.22
N TYR A 135 -17.22 -3.95 -0.12
CA TYR A 135 -17.31 -5.22 0.59
C TYR A 135 -17.23 -6.41 -0.36
N GLY A 136 -16.37 -7.38 -0.03
CA GLY A 136 -16.20 -8.58 -0.86
C GLY A 136 -16.05 -9.85 -0.06
N GLY A 137 -16.36 -10.98 -0.70
CA GLY A 137 -16.22 -12.29 -0.06
C GLY A 137 -14.78 -12.79 -0.06
N MET A 138 -14.56 -13.92 0.58
CA MET A 138 -13.23 -14.51 0.68
C MET A 138 -12.64 -14.87 -0.68
N GLU A 139 -13.49 -15.14 -1.67
CA GLU A 139 -13.03 -15.42 -3.04
C GLU A 139 -12.33 -14.23 -3.71
N LEU A 140 -12.57 -13.03 -3.20
CA LEU A 140 -11.83 -11.84 -3.64
C LEU A 140 -10.32 -12.01 -3.48
N PHE A 141 -9.91 -12.80 -2.49
CA PHE A 141 -8.50 -12.94 -2.11
C PHE A 141 -7.83 -14.15 -2.72
N ARG A 142 -8.48 -14.78 -3.69
CA ARG A 142 -8.00 -16.03 -4.26
C ARG A 142 -6.57 -15.96 -4.79
N ALA A 143 -6.19 -14.83 -5.39
CA ALA A 143 -4.85 -14.69 -5.98
C ALA A 143 -3.73 -14.84 -4.97
N LEU A 144 -4.01 -14.60 -3.69
CA LEU A 144 -3.02 -14.81 -2.64
C LEU A 144 -2.49 -16.25 -2.60
N GLY A 145 -3.31 -17.22 -2.99
CA GLY A 145 -2.95 -18.63 -2.84
C GLY A 145 -2.84 -19.06 -1.38
N CYS A 146 -3.74 -18.58 -0.54
CA CYS A 146 -3.82 -19.03 0.85
C CYS A 146 -5.27 -19.06 1.30
N SER A 147 -6.09 -19.79 0.56
CA SER A 147 -7.53 -19.73 0.76
C SER A 147 -7.97 -20.35 2.09
N GLU A 148 -7.23 -21.37 2.62
CA GLU A 148 -7.62 -21.93 3.92
C GLU A 148 -7.43 -20.89 5.01
N LEU A 149 -6.33 -20.17 4.97
CA LEU A 149 -6.09 -19.11 5.92
C LEU A 149 -7.16 -18.03 5.82
N ILE A 150 -7.48 -17.60 4.61
CA ILE A 150 -8.52 -16.58 4.41
C ILE A 150 -9.86 -17.09 4.93
N SER A 151 -10.17 -18.35 4.63
CA SER A 151 -11.39 -18.96 5.10
C SER A 151 -11.44 -19.03 6.63
N SER A 152 -10.30 -19.33 7.25
CA SER A 152 -10.20 -19.36 8.71
C SER A 152 -10.35 -17.98 9.30
N ILE A 153 -9.83 -16.97 8.61
CA ILE A 153 -9.99 -15.59 9.10
C ILE A 153 -11.44 -15.13 9.03
N PHE A 154 -12.11 -15.42 7.92
CA PHE A 154 -13.55 -15.13 7.79
C PHE A 154 -14.36 -15.84 8.88
N ASP A 155 -14.08 -17.13 9.08
CA ASP A 155 -14.71 -17.90 10.15
C ASP A 155 -14.53 -17.26 11.52
N PHE A 156 -13.33 -16.72 11.76
CA PHE A 156 -13.01 -16.08 13.02
C PHE A 156 -13.79 -14.80 13.19
N SER A 157 -13.79 -13.97 12.16
CA SER A 157 -14.60 -12.75 12.14
C SER A 157 -16.08 -13.06 12.33
N HIS A 158 -16.55 -14.15 11.73
CA HIS A 158 -17.93 -14.58 11.94
C HIS A 158 -18.22 -14.98 13.39
N SER A 159 -17.30 -15.71 14.02
CA SER A 159 -17.51 -16.10 15.42
C SER A 159 -17.58 -14.88 16.34
N LEU A 160 -16.70 -13.90 16.11
CA LEU A 160 -16.73 -12.65 16.88
C LEU A 160 -17.97 -11.81 16.61
N SER A 161 -18.42 -11.81 15.36
CA SER A 161 -19.62 -11.05 14.98
C SER A 161 -20.86 -11.50 15.75
N ALA A 162 -20.88 -12.77 16.18
CA ALA A 162 -22.01 -13.32 16.94
C ALA A 162 -22.10 -12.77 18.37
N LEU A 163 -21.00 -12.21 18.86
CA LEU A 163 -20.97 -11.53 20.15
C LEU A 163 -21.47 -10.08 20.06
N HIS A 164 -21.50 -9.51 18.86
CA HIS A 164 -21.97 -8.14 18.65
C HIS A 164 -21.33 -7.14 19.61
N PHE A 165 -19.99 -7.15 19.69
CA PHE A 165 -19.26 -6.18 20.50
C PHE A 165 -19.67 -4.74 20.24
N SER A 166 -19.82 -3.97 21.32
CA SER A 166 -19.82 -2.51 21.24
C SER A 166 -18.39 -2.05 21.06
N GLU A 167 -18.22 -0.77 20.75
CA GLU A 167 -16.89 -0.21 20.59
C GLU A 167 -16.11 -0.27 21.89
N ASP A 168 -16.76 0.03 23.01
CA ASP A 168 -16.11 -0.03 24.33
C ASP A 168 -15.65 -1.45 24.68
N GLU A 169 -16.46 -2.45 24.33
CA GLU A 169 -16.09 -3.85 24.54
C GLU A 169 -14.88 -4.27 23.68
N ILE A 170 -14.84 -3.82 22.42
CA ILE A 170 -13.67 -4.03 21.57
C ILE A 170 -12.45 -3.38 22.23
N ALA A 171 -12.61 -2.15 22.72
CA ALA A 171 -11.49 -1.45 23.34
C ALA A 171 -10.89 -2.28 24.48
N LEU A 172 -11.76 -2.73 25.38
CA LEU A 172 -11.31 -3.44 26.58
C LEU A 172 -10.79 -4.85 26.26
N TYR A 173 -11.45 -5.53 25.33
CA TYR A 173 -11.01 -6.87 24.93
C TYR A 173 -9.66 -6.82 24.18
N THR A 174 -9.50 -5.90 23.23
CA THR A 174 -8.22 -5.76 22.51
C THR A 174 -7.08 -5.33 23.43
N ALA A 175 -7.40 -4.61 24.49
CA ALA A 175 -6.38 -4.28 25.50
C ALA A 175 -5.78 -5.55 26.14
N LEU A 176 -6.66 -6.50 26.44
CA LEU A 176 -6.28 -7.80 27.00
C LEU A 176 -5.61 -8.71 25.98
N VAL A 177 -6.03 -8.63 24.73
CA VAL A 177 -5.33 -9.35 23.65
C VAL A 177 -3.87 -8.91 23.59
N LEU A 178 -3.62 -7.61 23.71
CA LEU A 178 -2.27 -7.06 23.70
C LEU A 178 -1.51 -7.36 25.00
N ILE A 179 -2.12 -7.07 26.14
CA ILE A 179 -1.46 -7.22 27.42
C ILE A 179 -1.68 -8.65 27.91
N ASN A 180 -0.90 -9.54 27.31
CA ASN A 180 -0.99 -10.96 27.54
C ASN A 180 0.29 -11.39 28.27
N ALA A 181 0.16 -11.75 29.54
CA ALA A 181 1.32 -12.07 30.38
C ALA A 181 1.95 -13.42 30.05
N HIS A 182 1.36 -14.19 29.13
CA HIS A 182 1.90 -15.50 28.79
C HIS A 182 2.84 -15.48 27.59
N ARG A 183 3.04 -14.32 26.96
CA ARG A 183 3.95 -14.22 25.81
C ARG A 183 5.34 -14.72 26.20
N PRO A 184 5.93 -15.62 25.39
CA PRO A 184 7.30 -16.04 25.68
C PRO A 184 8.28 -14.87 25.48
N GLY A 185 9.30 -14.80 26.31
CA GLY A 185 10.35 -13.77 26.17
C GLY A 185 10.19 -12.52 27.03
N LEU A 186 9.06 -12.40 27.73
CA LEU A 186 8.90 -11.33 28.74
C LEU A 186 10.00 -11.41 29.81
N GLN A 187 10.62 -10.27 30.07
CA GLN A 187 11.65 -10.17 31.10
C GLN A 187 11.10 -9.75 32.47
N GLU A 188 9.97 -9.05 32.48
CA GLU A 188 9.33 -8.63 33.72
C GLU A 188 7.87 -9.07 33.74
N LYS A 189 7.69 -10.38 33.73
CA LYS A 189 6.35 -10.98 33.62
C LYS A 189 5.39 -10.47 34.70
N ARG A 190 5.87 -10.30 35.93
CA ARG A 190 5.00 -9.83 37.03
C ARG A 190 4.30 -8.50 36.75
N LYS A 191 5.03 -7.54 36.17
CA LYS A 191 4.44 -6.25 35.79
C LYS A 191 3.37 -6.42 34.72
N VAL A 192 3.62 -7.30 33.76
CA VAL A 192 2.59 -7.63 32.76
C VAL A 192 1.39 -8.32 33.42
N GLU A 193 1.62 -9.24 34.35
CA GLU A 193 0.51 -9.94 35.02
C GLU A 193 -0.39 -8.93 35.74
N GLN A 194 0.26 -7.96 36.39
CA GLN A 194 -0.45 -6.95 37.18
CA GLN A 194 -0.39 -6.91 37.17
C GLN A 194 -1.29 -6.04 36.29
N LEU A 195 -0.75 -5.62 35.15
CA LEU A 195 -1.50 -4.76 34.24
C LEU A 195 -2.63 -5.57 33.61
N GLN A 196 -2.32 -6.81 33.22
CA GLN A 196 -3.33 -7.71 32.70
C GLN A 196 -4.49 -7.88 33.68
N TYR A 197 -4.19 -8.07 34.96
CA TYR A 197 -5.25 -8.24 35.96
C TYR A 197 -6.10 -6.99 36.10
N ASN A 198 -5.47 -5.83 36.19
CA ASN A 198 -6.23 -4.57 36.26
C ASN A 198 -7.11 -4.37 35.03
N LEU A 199 -6.60 -4.73 33.85
CA LEU A 199 -7.41 -4.65 32.63
C LEU A 199 -8.60 -5.66 32.68
N GLU A 200 -8.38 -6.83 33.27
CA GLU A 200 -9.47 -7.80 33.43
C GLU A 200 -10.54 -7.25 34.36
N LEU A 201 -10.14 -6.63 35.46
CA LEU A 201 -11.10 -5.99 36.36
C LEU A 201 -11.90 -4.90 35.64
N ALA A 202 -11.22 -4.14 34.79
CA ALA A 202 -11.86 -3.05 34.06
C ALA A 202 -12.88 -3.64 33.09
N PHE A 203 -12.46 -4.67 32.38
CA PHE A 203 -13.33 -5.36 31.44
C PHE A 203 -14.55 -5.93 32.18
N HIS A 204 -14.32 -6.63 33.29
CA HIS A 204 -15.41 -7.26 34.02
C HIS A 204 -16.38 -6.23 34.59
N HIS A 205 -15.84 -5.16 35.16
CA HIS A 205 -16.64 -4.06 35.67
C HIS A 205 -17.54 -3.45 34.59
N HIS A 206 -16.99 -3.15 33.42
CA HIS A 206 -17.79 -2.59 32.32
C HIS A 206 -18.88 -3.55 31.87
N LEU A 207 -18.52 -4.83 31.74
CA LEU A 207 -19.50 -5.85 31.35
C LEU A 207 -20.62 -6.04 32.38
N CYS A 208 -20.27 -5.91 33.65
CA CYS A 208 -21.24 -6.05 34.72
C CYS A 208 -22.26 -4.91 34.69
N LYS A 209 -21.80 -3.69 34.48
CA LYS A 209 -22.70 -2.53 34.34
C LYS A 209 -23.70 -2.67 33.18
N THR A 210 -23.25 -3.32 32.10
CA THR A 210 -24.04 -3.46 30.89
C THR A 210 -24.73 -4.84 30.76
N HIS A 211 -24.64 -5.64 31.82
CA HIS A 211 -25.21 -7.00 31.87
C HIS A 211 -24.72 -7.88 30.73
N ARG A 212 -23.42 -7.82 30.46
CA ARG A 212 -22.82 -8.52 29.34
C ARG A 212 -21.69 -9.46 29.76
N GLN A 213 -21.67 -9.91 31.02
CA GLN A 213 -20.62 -10.83 31.48
C GLN A 213 -20.75 -12.22 30.85
N SER A 214 -21.93 -12.53 30.34
CA SER A 214 -22.13 -13.77 29.60
C SER A 214 -21.13 -13.97 28.46
N ILE A 215 -20.69 -12.89 27.81
CA ILE A 215 -19.75 -13.02 26.66
C ILE A 215 -18.35 -13.57 27.03
N LEU A 216 -18.00 -13.52 28.31
CA LEU A 216 -16.69 -14.02 28.75
C LEU A 216 -16.44 -15.49 28.39
N ALA A 217 -17.44 -16.32 28.64
CA ALA A 217 -17.40 -17.73 28.27
C ALA A 217 -17.45 -17.99 26.75
N LYS A 218 -17.83 -16.97 25.97
CA LYS A 218 -17.96 -17.11 24.52
C LYS A 218 -16.82 -16.48 23.73
N LEU A 219 -15.78 -16.02 24.42
CA LEU A 219 -14.64 -15.38 23.75
C LEU A 219 -13.77 -16.43 23.06
N PRO A 220 -13.04 -16.03 22.01
CA PRO A 220 -12.22 -16.99 21.24
C PRO A 220 -11.38 -17.91 22.12
N PRO A 221 -11.43 -19.22 21.85
CA PRO A 221 -10.74 -20.16 22.72
C PRO A 221 -9.23 -19.99 22.74
N LYS A 222 -8.60 -20.69 23.69
CA LYS A 222 -7.15 -20.75 23.79
C LYS A 222 -6.55 -21.29 22.50
N GLY A 223 -5.66 -20.51 21.88
CA GLY A 223 -4.88 -20.98 20.74
C GLY A 223 -5.40 -20.57 19.38
N LYS A 224 -6.60 -19.99 19.35
CA LYS A 224 -7.20 -19.62 18.08
C LYS A 224 -6.45 -18.47 17.43
N LEU A 225 -6.28 -17.39 18.19
CA LEU A 225 -5.54 -16.24 17.69
C LEU A 225 -4.09 -16.61 17.31
N ARG A 226 -3.47 -17.46 18.13
N ARG A 226 -3.44 -17.45 18.12
CA ARG A 226 -2.12 -17.96 17.88
CA ARG A 226 -2.08 -17.92 17.82
C ARG A 226 -2.04 -18.72 16.56
C ARG A 226 -2.04 -18.69 16.51
N SER A 227 -3.04 -19.54 16.29
CA SER A 227 -3.10 -20.33 15.05
C SER A 227 -3.18 -19.43 13.80
N LEU A 228 -4.10 -18.48 13.80
CA LEU A 228 -4.25 -17.55 12.68
C LEU A 228 -2.94 -16.79 12.45
N CYS A 229 -2.28 -16.36 13.52
CA CYS A 229 -1.02 -15.65 13.38
C CYS A 229 0.10 -16.53 12.83
N SER A 230 0.17 -17.77 13.33
CA SER A 230 1.18 -18.72 12.86
C SER A 230 0.99 -19.07 11.38
N GLN A 231 -0.25 -19.24 10.97
CA GLN A 231 -0.56 -19.54 9.59
C GLN A 231 -0.20 -18.36 8.69
N HIS A 232 -0.54 -17.14 9.12
CA HIS A 232 -0.15 -15.96 8.37
C HIS A 232 1.38 -15.96 8.14
N VAL A 233 2.16 -16.18 9.20
CA VAL A 233 3.63 -16.25 9.08
C VAL A 233 4.07 -17.36 8.12
N GLU A 234 3.43 -18.52 8.21
CA GLU A 234 3.75 -19.65 7.32
C GLU A 234 3.42 -19.35 5.86
N ARG A 235 2.25 -18.77 5.62
CA ARG A 235 1.84 -18.43 4.25
C ARG A 235 2.73 -17.33 3.65
N LEU A 236 3.17 -16.38 4.47
CA LEU A 236 4.16 -15.39 4.03
C LEU A 236 5.47 -16.08 3.60
N GLN A 237 5.95 -17.03 4.42
N GLN A 237 5.94 -17.04 4.39
CA GLN A 237 7.14 -17.83 4.07
CA GLN A 237 7.16 -17.79 4.04
C GLN A 237 7.02 -18.46 2.69
C GLN A 237 7.03 -18.49 2.68
N ILE A 238 5.87 -19.08 2.44
CA ILE A 238 5.60 -19.76 1.16
C ILE A 238 5.65 -18.76 0.00
N PHE A 239 5.00 -17.61 0.18
CA PHE A 239 5.02 -16.55 -0.82
C PHE A 239 6.43 -16.01 -1.02
N GLN A 240 7.11 -15.73 0.08
CA GLN A 240 8.43 -15.13 0.03
C GLN A 240 9.48 -16.02 -0.64
N HIS A 241 9.38 -17.33 -0.42
CA HIS A 241 10.22 -18.27 -1.15
C HIS A 241 9.95 -18.22 -2.65
N LEU A 242 8.69 -18.05 -3.04
CA LEU A 242 8.31 -17.98 -4.46
C LEU A 242 8.59 -16.60 -5.09
N HIS A 243 8.50 -15.54 -4.28
CA HIS A 243 8.72 -14.16 -4.77
C HIS A 243 9.60 -13.34 -3.82
N PRO A 244 10.89 -13.68 -3.70
CA PRO A 244 11.80 -13.02 -2.74
C PRO A 244 12.10 -11.56 -3.03
N ILE A 245 12.25 -11.22 -4.30
CA ILE A 245 12.63 -9.86 -4.66
C ILE A 245 11.52 -8.87 -4.28
N VAL A 246 10.27 -9.22 -4.59
CA VAL A 246 9.12 -8.36 -4.31
C VAL A 246 9.07 -7.96 -2.83
N VAL A 247 9.27 -8.91 -1.94
CA VAL A 247 9.23 -8.64 -0.51
C VAL A 247 10.32 -7.65 -0.09
N GLN A 248 11.52 -7.85 -0.61
CA GLN A 248 12.64 -6.95 -0.34
C GLN A 248 12.39 -5.55 -0.93
N ALA A 249 11.82 -5.50 -2.13
CA ALA A 249 11.73 -4.25 -2.89
C ALA A 249 10.58 -3.36 -2.44
N ALA A 250 9.46 -4.01 -2.11
CA ALA A 250 8.19 -3.33 -2.06
C ALA A 250 7.42 -3.46 -0.77
N PHE A 251 7.71 -4.46 0.06
CA PHE A 251 6.91 -4.67 1.27
C PHE A 251 7.31 -3.69 2.37
N PRO A 252 6.33 -3.25 3.19
CA PRO A 252 6.68 -2.33 4.26
C PRO A 252 7.70 -2.96 5.20
N PRO A 253 8.74 -2.20 5.57
CA PRO A 253 9.76 -2.72 6.48
C PRO A 253 9.21 -3.22 7.82
N LEU A 254 8.17 -2.57 8.35
CA LEU A 254 7.55 -3.01 9.58
C LEU A 254 6.92 -4.40 9.42
N TYR A 255 6.31 -4.63 8.27
CA TYR A 255 5.68 -5.92 7.97
C TYR A 255 6.75 -7.02 7.97
N LYS A 256 7.86 -6.76 7.30
CA LYS A 256 8.99 -7.70 7.22
C LYS A 256 9.53 -8.02 8.63
N GLU A 257 9.78 -6.98 9.42
CA GLU A 257 10.27 -7.14 10.80
C GLU A 257 9.33 -7.96 11.68
N LEU A 258 8.02 -7.72 11.56
CA LEU A 258 7.03 -8.46 12.35
C LEU A 258 6.85 -9.92 11.90
N PHE A 259 6.90 -10.16 10.60
CA PHE A 259 6.41 -11.45 10.04
C PHE A 259 7.39 -12.31 9.23
N SER A 260 8.42 -11.72 8.63
CA SER A 260 9.40 -12.47 7.83
C SER A 260 10.36 -13.20 8.75
N THR A 261 10.61 -14.47 8.46
CA THR A 261 11.44 -15.33 9.31
C THR A 261 12.89 -15.42 8.83
N TYR B 17 23.66 -0.57 -38.56
CA TYR B 17 22.66 0.10 -39.44
C TYR B 17 21.37 -0.74 -39.56
N ALA B 18 20.35 -0.37 -38.80
CA ALA B 18 19.08 -1.10 -38.79
C ALA B 18 18.24 -0.81 -40.06
N SER B 19 17.91 -1.87 -40.80
CA SER B 19 17.12 -1.75 -42.03
C SER B 19 15.65 -1.39 -41.75
N LEU B 20 14.90 -1.13 -42.81
CA LEU B 20 13.46 -0.86 -42.70
C LEU B 20 12.74 -2.01 -41.97
N THR B 21 13.02 -3.24 -42.39
CA THR B 21 12.47 -4.44 -41.74
C THR B 21 12.85 -4.50 -40.25
N GLU B 22 14.08 -4.12 -39.92
CA GLU B 22 14.55 -4.12 -38.53
C GLU B 22 13.84 -3.03 -37.71
N ILE B 23 13.62 -1.87 -38.33
CA ILE B 23 12.89 -0.78 -37.66
C ILE B 23 11.42 -1.17 -37.44
N GLU B 24 10.79 -1.79 -38.44
CA GLU B 24 9.40 -2.25 -38.30
C GLU B 24 9.26 -3.28 -37.19
N HIS B 25 10.24 -4.19 -37.09
CA HIS B 25 10.27 -5.21 -36.02
C HIS B 25 10.38 -4.56 -34.64
N LEU B 26 11.25 -3.57 -34.50
CA LEU B 26 11.42 -2.88 -33.22
C LEU B 26 10.13 -2.18 -32.78
N VAL B 27 9.42 -1.59 -33.73
CA VAL B 27 8.13 -0.97 -33.43
C VAL B 27 7.19 -2.00 -32.79
N GLN B 28 7.05 -3.16 -33.42
CA GLN B 28 6.15 -4.21 -32.88
C GLN B 28 6.64 -4.76 -31.53
N SER B 29 7.96 -4.86 -31.37
CA SER B 29 8.58 -5.33 -30.15
C SER B 29 8.31 -4.39 -28.96
N VAL B 30 8.50 -3.09 -29.19
CA VAL B 30 8.27 -2.08 -28.16
C VAL B 30 6.79 -2.08 -27.77
N CYS B 31 5.91 -2.11 -28.77
CA CYS B 31 4.47 -2.05 -28.52
C CYS B 31 4.00 -3.27 -27.72
N LYS B 32 4.60 -4.43 -27.99
CA LYS B 32 4.28 -5.64 -27.27
C LYS B 32 4.83 -5.61 -25.83
N SER B 33 6.08 -5.16 -25.66
CA SER B 33 6.66 -4.98 -24.33
C SER B 33 5.81 -4.06 -23.48
N TYR B 34 5.31 -2.98 -24.07
CA TYR B 34 4.42 -2.06 -23.39
C TYR B 34 3.09 -2.73 -23.03
N ARG B 35 2.43 -3.37 -24.01
CA ARG B 35 1.14 -4.03 -23.75
C ARG B 35 1.21 -4.97 -22.55
N GLU B 36 2.28 -5.77 -22.50
CA GLU B 36 2.46 -6.74 -21.44
C GLU B 36 2.76 -6.11 -20.10
N THR B 37 3.26 -4.88 -20.07
CA THR B 37 3.59 -4.25 -18.81
C THR B 37 2.70 -3.03 -18.52
N CYS B 38 1.49 -2.85 -19.25
CA CYS B 38 0.74 -1.60 -19.08
C CYS B 38 -0.04 -1.42 -17.77
N GLN B 39 0.00 -2.43 -16.83
CA GLN B 39 -0.66 -2.33 -15.52
C GLN B 39 -2.17 -2.47 -15.64
N LEU B 40 -2.84 -1.42 -16.07
CA LEU B 40 -4.28 -1.48 -16.32
C LEU B 40 -4.55 -1.28 -17.80
N ARG B 41 -5.42 -2.12 -18.36
CA ARG B 41 -5.76 -2.02 -19.76
C ARG B 41 -6.60 -0.77 -19.96
N LEU B 42 -6.42 -0.11 -21.11
CA LEU B 42 -7.09 1.16 -21.37
C LEU B 42 -8.60 1.03 -21.26
N GLU B 43 -9.16 -0.02 -21.85
CA GLU B 43 -10.60 -0.27 -21.84
C GLU B 43 -11.18 -0.21 -20.43
N ASP B 44 -10.49 -0.83 -19.47
CA ASP B 44 -10.94 -0.84 -18.08
C ASP B 44 -10.96 0.57 -17.50
N LEU B 45 -9.85 1.30 -17.67
CA LEU B 45 -9.76 2.69 -17.24
C LEU B 45 -10.90 3.55 -17.81
N LEU B 46 -11.15 3.42 -19.11
CA LEU B 46 -12.18 4.23 -19.78
C LEU B 46 -13.58 3.88 -19.27
N ARG B 47 -13.87 2.59 -19.16
CA ARG B 47 -15.13 2.11 -18.62
C ARG B 47 -15.39 2.62 -17.21
N GLN B 48 -14.33 2.80 -16.42
CA GLN B 48 -14.49 3.22 -15.03
C GLN B 48 -14.62 4.74 -14.85
N ARG B 49 -14.60 5.50 -15.96
CA ARG B 49 -14.64 6.98 -15.90
C ARG B 49 -15.88 7.55 -15.19
N SER B 50 -17.01 6.86 -15.33
CA SER B 50 -18.25 7.26 -14.69
C SER B 50 -18.30 6.87 -13.20
N ASN B 51 -17.33 6.07 -12.76
CA ASN B 51 -17.20 5.72 -11.35
C ASN B 51 -16.32 6.75 -10.63
N ILE B 52 -16.98 7.67 -9.94
CA ILE B 52 -16.33 8.84 -9.36
C ILE B 52 -16.62 8.91 -7.87
N PHE B 53 -15.61 9.34 -7.11
CA PHE B 53 -15.70 9.47 -5.66
C PHE B 53 -16.80 10.45 -5.26
N SER B 54 -17.66 10.04 -4.34
CA SER B 54 -18.71 10.92 -3.81
C SER B 54 -18.12 12.02 -2.93
N ARG B 55 -18.94 13.05 -2.67
CA ARG B 55 -18.54 14.18 -1.82
C ARG B 55 -18.04 13.68 -0.47
N GLU B 56 -18.80 12.77 0.12
CA GLU B 56 -18.44 12.17 1.40
C GLU B 56 -17.09 11.47 1.35
N GLU B 57 -16.81 10.79 0.23
CA GLU B 57 -15.55 10.07 0.08
C GLU B 57 -14.35 11.01 -0.10
N VAL B 58 -14.54 12.09 -0.83
CA VAL B 58 -13.51 13.13 -0.97
C VAL B 58 -13.20 13.72 0.42
N THR B 59 -14.24 14.05 1.17
CA THR B 59 -14.11 14.53 2.55
C THR B 59 -13.29 13.56 3.43
N GLY B 60 -13.53 12.27 3.24
CA GLY B 60 -12.80 11.23 3.96
C GLY B 60 -11.31 11.25 3.68
N TYR B 61 -10.95 11.35 2.40
CA TYR B 61 -9.55 11.48 2.01
C TYR B 61 -8.93 12.74 2.54
N GLN B 62 -9.69 13.84 2.51
CA GLN B 62 -9.21 15.13 3.00
C GLN B 62 -9.02 15.11 4.52
N ARG B 63 -9.80 14.27 5.21
CA ARG B 63 -9.69 14.07 6.66
C ARG B 63 -8.48 13.20 7.06
N LYS B 64 -7.93 12.42 6.12
CA LYS B 64 -6.77 11.58 6.44
C LYS B 64 -5.57 12.40 6.88
N SER B 65 -4.80 11.81 7.80
CA SER B 65 -3.52 12.40 8.19
C SER B 65 -2.57 12.45 6.98
N MET B 66 -1.64 13.39 7.04
CA MET B 66 -0.61 13.51 6.03
C MET B 66 0.18 12.21 5.91
N TRP B 67 0.51 11.60 7.04
CA TRP B 67 1.30 10.38 7.04
C TRP B 67 0.57 9.23 6.36
N GLU B 68 -0.73 9.09 6.61
CA GLU B 68 -1.48 7.98 6.05
C GLU B 68 -1.64 8.16 4.55
N MET B 69 -1.88 9.40 4.10
CA MET B 69 -2.07 9.66 2.68
C MET B 69 -0.77 9.51 1.91
N TRP B 70 0.34 9.98 2.50
CA TRP B 70 1.63 9.79 1.85
C TRP B 70 1.96 8.31 1.71
N GLU B 71 1.74 7.53 2.76
CA GLU B 71 1.95 6.07 2.71
C GLU B 71 1.20 5.41 1.58
N ARG B 72 -0.08 5.74 1.45
CA ARG B 72 -0.91 5.20 0.38
C ARG B 72 -0.36 5.55 -0.99
N CYS B 73 0.01 6.81 -1.18
CA CYS B 73 0.47 7.26 -2.47
C CYS B 73 1.85 6.70 -2.82
N ALA B 74 2.74 6.61 -1.83
CA ALA B 74 4.04 5.97 -2.01
C ALA B 74 3.86 4.51 -2.45
N HIS B 75 2.92 3.80 -1.84
CA HIS B 75 2.61 2.41 -2.21
C HIS B 75 2.13 2.28 -3.66
N HIS B 76 1.17 3.11 -4.05
CA HIS B 76 0.64 3.09 -5.41
C HIS B 76 1.68 3.49 -6.44
N LEU B 77 2.49 4.48 -6.14
CA LEU B 77 3.59 4.86 -7.01
C LEU B 77 4.58 3.71 -7.23
N THR B 78 4.95 3.06 -6.14
CA THR B 78 5.87 1.93 -6.17
C THR B 78 5.33 0.80 -7.04
N GLU B 79 4.04 0.49 -6.88
CA GLU B 79 3.38 -0.49 -7.73
C GLU B 79 3.58 -0.12 -9.21
N ALA B 80 3.30 1.13 -9.56
CA ALA B 80 3.45 1.60 -10.96
C ALA B 80 4.91 1.55 -11.44
N ILE B 81 5.83 1.92 -10.56
CA ILE B 81 7.27 1.83 -10.87
C ILE B 81 7.65 0.38 -11.15
N GLN B 82 7.09 -0.54 -10.38
CA GLN B 82 7.39 -1.96 -10.58
C GLN B 82 7.02 -2.41 -12.01
N TYR B 83 5.90 -1.92 -12.53
CA TYR B 83 5.50 -2.23 -13.91
C TYR B 83 6.44 -1.58 -14.92
N VAL B 84 6.98 -0.42 -14.57
CA VAL B 84 7.95 0.27 -15.45
C VAL B 84 9.29 -0.46 -15.47
N VAL B 85 9.71 -1.01 -14.33
CA VAL B 85 10.97 -1.75 -14.28
C VAL B 85 10.85 -2.96 -15.19
N GLU B 86 9.72 -3.64 -15.12
CA GLU B 86 9.48 -4.80 -15.95
C GLU B 86 9.44 -4.43 -17.44
N PHE B 87 8.82 -3.29 -17.76
CA PHE B 87 8.82 -2.75 -19.14
C PHE B 87 10.24 -2.64 -19.67
N ALA B 88 11.10 -1.98 -18.89
CA ALA B 88 12.52 -1.86 -19.22
C ALA B 88 13.16 -3.23 -19.48
N LYS B 89 12.94 -4.17 -18.56
CA LYS B 89 13.54 -5.51 -18.68
C LYS B 89 13.07 -6.26 -19.92
N ARG B 90 11.87 -5.94 -20.40
CA ARG B 90 11.34 -6.57 -21.62
C ARG B 90 11.60 -5.75 -22.89
N LEU B 91 12.18 -4.55 -22.75
CA LEU B 91 12.40 -3.64 -23.88
C LEU B 91 13.66 -4.02 -24.66
N SER B 92 13.54 -4.06 -25.99
CA SER B 92 14.66 -4.51 -26.84
C SER B 92 15.89 -3.68 -26.58
N GLY B 93 17.01 -4.32 -26.25
CA GLY B 93 18.27 -3.62 -26.07
C GLY B 93 18.62 -3.25 -24.64
N PHE B 94 17.61 -3.10 -23.80
CA PHE B 94 17.83 -2.65 -22.43
C PHE B 94 18.67 -3.63 -21.62
N MET B 95 18.30 -4.90 -21.67
CA MET B 95 18.97 -5.93 -20.87
C MET B 95 20.32 -6.34 -21.45
N GLU B 96 20.58 -5.93 -22.68
CA GLU B 96 21.91 -6.08 -23.27
C GLU B 96 22.84 -4.92 -22.86
N LEU B 97 22.28 -3.90 -22.21
CA LEU B 97 23.10 -2.85 -21.58
C LEU B 97 23.75 -3.41 -20.32
N CYS B 98 24.79 -2.74 -19.82
CA CYS B 98 25.45 -3.20 -18.61
C CYS B 98 24.63 -2.85 -17.37
N GLN B 99 25.03 -3.39 -16.22
CA GLN B 99 24.29 -3.21 -14.97
C GLN B 99 24.21 -1.75 -14.55
N ASN B 100 25.34 -1.06 -14.58
CA ASN B 100 25.39 0.35 -14.18
C ASN B 100 24.45 1.26 -14.98
N ASP B 101 24.47 1.11 -16.30
CA ASP B 101 23.64 1.92 -17.21
C ASP B 101 22.15 1.72 -16.96
N GLN B 102 21.75 0.45 -16.79
CA GLN B 102 20.37 0.09 -16.48
C GLN B 102 19.88 0.82 -15.24
N ILE B 103 20.69 0.82 -14.19
CA ILE B 103 20.35 1.49 -12.94
C ILE B 103 20.17 3.00 -13.15
N VAL B 104 21.14 3.62 -13.82
CA VAL B 104 21.13 5.06 -14.08
C VAL B 104 19.86 5.45 -14.84
N LEU B 105 19.55 4.71 -15.91
CA LEU B 105 18.33 4.94 -16.70
C LEU B 105 17.06 4.80 -15.86
N LEU B 106 16.93 3.69 -15.14
CA LEU B 106 15.73 3.49 -14.31
C LEU B 106 15.64 4.49 -13.16
N LYS B 107 16.76 4.75 -12.51
CA LYS B 107 16.80 5.69 -11.38
C LYS B 107 16.26 7.06 -11.77
N ALA B 108 16.70 7.56 -12.93
CA ALA B 108 16.26 8.87 -13.41
C ALA B 108 14.94 8.81 -14.19
N GLY B 109 14.67 7.68 -14.84
CA GLY B 109 13.57 7.57 -15.79
C GLY B 109 12.27 6.95 -15.33
N ALA B 110 12.31 6.11 -14.29
CA ALA B 110 11.14 5.33 -13.89
C ALA B 110 9.95 6.23 -13.56
N MET B 111 10.20 7.25 -12.75
CA MET B 111 9.15 8.22 -12.38
C MET B 111 8.66 9.00 -13.59
N GLU B 112 9.59 9.38 -14.46
CA GLU B 112 9.24 10.06 -15.69
C GLU B 112 8.30 9.20 -16.52
N VAL B 113 8.58 7.92 -16.64
CA VAL B 113 7.70 7.01 -17.38
C VAL B 113 6.33 6.91 -16.72
N VAL B 114 6.30 6.76 -15.39
CA VAL B 114 5.04 6.71 -14.65
C VAL B 114 4.18 7.95 -14.89
N LEU B 115 4.80 9.13 -14.81
CA LEU B 115 4.11 10.40 -15.07
C LEU B 115 3.48 10.43 -16.47
N VAL B 116 4.20 9.92 -17.48
CA VAL B 116 3.63 9.84 -18.83
C VAL B 116 2.46 8.85 -18.89
N ARG B 117 2.66 7.64 -18.36
CA ARG B 117 1.61 6.63 -18.31
C ARG B 117 0.32 7.10 -17.64
N MET B 118 0.44 7.92 -16.60
N MET B 118 0.46 7.90 -16.57
CA MET B 118 -0.72 8.36 -15.81
CA MET B 118 -0.67 8.45 -15.80
C MET B 118 -1.78 9.10 -16.63
C MET B 118 -1.78 9.03 -16.67
N CYS B 119 -1.41 9.66 -17.79
CA CYS B 119 -2.38 10.35 -18.64
C CYS B 119 -3.49 9.43 -19.14
N ARG B 120 -3.20 8.13 -19.25
CA ARG B 120 -4.24 7.13 -19.60
C ARG B 120 -5.33 7.07 -18.54
N ALA B 121 -4.96 7.34 -17.30
CA ALA B 121 -5.87 7.25 -16.17
C ALA B 121 -6.41 8.63 -15.78
N TYR B 122 -6.21 9.62 -16.65
CA TYR B 122 -6.70 10.97 -16.43
C TYR B 122 -7.87 11.29 -17.37
N ASN B 123 -8.89 11.95 -16.84
CA ASN B 123 -10.06 12.34 -17.61
C ASN B 123 -10.15 13.86 -17.74
N ALA B 124 -9.97 14.33 -18.96
CA ALA B 124 -9.96 15.77 -19.27
C ALA B 124 -11.29 16.46 -19.00
N ASP B 125 -12.38 15.71 -19.17
CA ASP B 125 -13.72 16.27 -19.07
C ASP B 125 -14.01 16.85 -17.70
N ASN B 126 -13.64 16.11 -16.65
CA ASN B 126 -13.87 16.53 -15.26
C ASN B 126 -12.58 16.68 -14.43
N ARG B 127 -11.42 16.54 -15.09
CA ARG B 127 -10.10 16.72 -14.47
C ARG B 127 -9.91 15.79 -13.25
N THR B 128 -10.18 14.51 -13.45
CA THR B 128 -10.05 13.49 -12.41
C THR B 128 -9.01 12.46 -12.83
N VAL B 129 -8.44 11.78 -11.84
CA VAL B 129 -7.48 10.71 -12.07
C VAL B 129 -7.96 9.46 -11.35
N PHE B 130 -7.66 8.29 -11.93
CA PHE B 130 -8.02 7.02 -11.31
C PHE B 130 -7.09 6.78 -10.10
N PHE B 131 -7.69 6.62 -8.93
CA PHE B 131 -6.97 6.42 -7.68
C PHE B 131 -7.82 5.56 -6.76
N GLU B 132 -7.25 4.46 -6.26
CA GLU B 132 -7.92 3.52 -5.32
C GLU B 132 -9.37 3.18 -5.71
N GLY B 133 -9.57 2.80 -6.96
CA GLY B 133 -10.84 2.24 -7.41
C GLY B 133 -11.80 3.18 -8.10
N LYS B 134 -11.59 4.49 -7.95
CA LYS B 134 -12.46 5.49 -8.56
C LYS B 134 -11.66 6.69 -9.08
N TYR B 135 -12.36 7.55 -9.80
CA TYR B 135 -11.82 8.79 -10.30
C TYR B 135 -12.09 9.92 -9.32
N GLY B 136 -11.11 10.80 -9.15
CA GLY B 136 -11.23 11.96 -8.26
C GLY B 136 -10.31 13.10 -8.68
N GLY B 137 -10.73 14.32 -8.37
CA GLY B 137 -9.96 15.51 -8.71
C GLY B 137 -8.76 15.69 -7.81
N MET B 138 -7.99 16.75 -8.07
CA MET B 138 -6.81 17.03 -7.30
C MET B 138 -7.12 17.28 -5.81
N GLU B 139 -8.32 17.76 -5.50
CA GLU B 139 -8.73 17.97 -4.10
C GLU B 139 -8.73 16.69 -3.25
N LEU B 140 -8.71 15.53 -3.91
CA LEU B 140 -8.64 14.25 -3.20
C LEU B 140 -7.31 14.11 -2.42
N PHE B 141 -6.28 14.81 -2.91
CA PHE B 141 -4.92 14.68 -2.41
C PHE B 141 -4.50 15.78 -1.43
N ARG B 142 -5.48 16.52 -0.91
CA ARG B 142 -5.22 17.68 -0.06
C ARG B 142 -4.40 17.35 1.19
N ALA B 143 -4.63 16.18 1.78
CA ALA B 143 -3.94 15.79 3.01
C ALA B 143 -2.43 15.62 2.84
N LEU B 144 -1.98 15.39 1.61
CA LEU B 144 -0.54 15.28 1.36
C LEU B 144 0.24 16.54 1.74
N GLY B 145 -0.42 17.70 1.65
CA GLY B 145 0.25 18.98 1.91
C GLY B 145 1.32 19.30 0.85
N CYS B 146 1.05 18.93 -0.41
CA CYS B 146 1.90 19.35 -1.54
C CYS B 146 1.06 19.70 -2.77
N SER B 147 0.13 20.64 -2.60
CA SER B 147 -0.89 20.84 -3.62
C SER B 147 -0.39 21.53 -4.89
N GLU B 148 0.71 22.30 -4.81
CA GLU B 148 1.35 22.84 -6.02
C GLU B 148 1.85 21.71 -6.94
N LEU B 149 2.52 20.74 -6.34
CA LEU B 149 3.00 19.55 -7.05
C LEU B 149 1.82 18.78 -7.66
N ILE B 150 0.80 18.49 -6.84
CA ILE B 150 -0.38 17.78 -7.33
C ILE B 150 -0.98 18.51 -8.52
N SER B 151 -1.21 19.81 -8.38
CA SER B 151 -1.75 20.65 -9.45
C SER B 151 -0.87 20.59 -10.71
N SER B 152 0.44 20.67 -10.49
CA SER B 152 1.43 20.53 -11.56
C SER B 152 1.35 19.18 -12.28
N ILE B 153 1.12 18.12 -11.52
CA ILE B 153 0.97 16.77 -12.11
C ILE B 153 -0.32 16.68 -12.92
N PHE B 154 -1.43 17.22 -12.41
CA PHE B 154 -2.68 17.25 -13.16
C PHE B 154 -2.57 18.09 -14.44
N ASP B 155 -1.87 19.21 -14.36
CA ASP B 155 -1.64 20.06 -15.54
C ASP B 155 -0.82 19.32 -16.61
N PHE B 156 0.18 18.55 -16.18
CA PHE B 156 0.98 17.74 -17.07
C PHE B 156 0.15 16.67 -17.76
N SER B 157 -0.62 15.92 -16.98
CA SER B 157 -1.54 14.90 -17.49
C SER B 157 -2.55 15.50 -18.46
N HIS B 158 -3.07 16.68 -18.13
CA HIS B 158 -4.00 17.40 -19.02
C HIS B 158 -3.35 17.73 -20.37
N SER B 159 -2.13 18.25 -20.33
CA SER B 159 -1.40 18.60 -21.55
C SER B 159 -1.12 17.37 -22.42
N LEU B 160 -0.75 16.25 -21.79
CA LEU B 160 -0.53 15.01 -22.52
C LEU B 160 -1.83 14.44 -23.09
N SER B 161 -2.90 14.50 -22.29
CA SER B 161 -4.23 14.08 -22.72
C SER B 161 -4.71 14.82 -23.95
N ALA B 162 -4.23 16.05 -24.13
CA ALA B 162 -4.58 16.86 -25.28
C ALA B 162 -3.96 16.34 -26.58
N LEU B 163 -2.88 15.56 -26.46
CA LEU B 163 -2.26 14.92 -27.64
C LEU B 163 -3.02 13.67 -28.09
N HIS B 164 -3.88 13.15 -27.23
CA HIS B 164 -4.70 11.97 -27.55
C HIS B 164 -3.86 10.83 -28.12
N PHE B 165 -2.89 10.38 -27.31
CA PHE B 165 -2.04 9.25 -27.66
C PHE B 165 -2.83 7.97 -27.84
N SER B 166 -2.45 7.20 -28.86
CA SER B 166 -2.81 5.78 -28.95
C SER B 166 -1.89 5.02 -28.01
N GLU B 167 -2.28 3.79 -27.71
CA GLU B 167 -1.47 2.92 -26.84
C GLU B 167 -0.08 2.69 -27.44
N ASP B 168 -0.01 2.48 -28.75
CA ASP B 168 1.27 2.31 -29.44
C ASP B 168 2.17 3.56 -29.34
N GLU B 169 1.58 4.74 -29.49
CA GLU B 169 2.33 5.99 -29.31
C GLU B 169 2.92 6.14 -27.89
N ILE B 170 2.16 5.74 -26.87
CA ILE B 170 2.67 5.77 -25.49
C ILE B 170 3.82 4.77 -25.33
N ALA B 171 3.67 3.59 -25.93
CA ALA B 171 4.72 2.59 -25.91
C ALA B 171 6.04 3.16 -26.42
N LEU B 172 6.01 3.74 -27.62
CA LEU B 172 7.22 4.23 -28.28
C LEU B 172 7.79 5.47 -27.58
N TYR B 173 6.90 6.37 -27.17
CA TYR B 173 7.32 7.57 -26.46
C TYR B 173 7.97 7.24 -25.11
N THR B 174 7.34 6.37 -24.32
CA THR B 174 7.89 6.01 -23.01
C THR B 174 9.20 5.24 -23.14
N ALA B 175 9.39 4.47 -24.20
CA ALA B 175 10.67 3.81 -24.44
C ALA B 175 11.80 4.85 -24.53
N LEU B 176 11.51 5.96 -25.20
CA LEU B 176 12.47 7.05 -25.41
C LEU B 176 12.66 7.90 -24.16
N VAL B 177 11.60 8.09 -23.39
CA VAL B 177 11.72 8.71 -22.07
C VAL B 177 12.76 7.97 -21.21
N LEU B 178 12.72 6.64 -21.25
CA LEU B 178 13.64 5.79 -20.51
C LEU B 178 15.03 5.75 -21.15
N ILE B 179 15.07 5.47 -22.46
CA ILE B 179 16.36 5.31 -23.15
C ILE B 179 16.86 6.68 -23.60
N ASN B 180 17.49 7.36 -22.64
CA ASN B 180 17.97 8.72 -22.79
C ASN B 180 19.48 8.73 -22.56
N ALA B 181 20.23 9.04 -23.61
CA ALA B 181 21.69 9.04 -23.56
C ALA B 181 22.27 10.27 -22.83
N HIS B 182 21.44 11.26 -22.53
CA HIS B 182 21.87 12.48 -21.83
C HIS B 182 21.90 12.34 -20.31
N ARG B 183 21.37 11.24 -19.77
CA ARG B 183 21.40 10.99 -18.31
C ARG B 183 22.84 11.04 -17.80
N PRO B 184 23.11 11.89 -16.79
CA PRO B 184 24.43 11.83 -16.14
C PRO B 184 24.73 10.45 -15.58
N GLY B 185 25.94 9.95 -15.79
CA GLY B 185 26.42 8.73 -15.11
C GLY B 185 26.58 7.45 -15.94
N LEU B 186 26.24 7.51 -17.22
CA LEU B 186 26.27 6.32 -18.08
C LEU B 186 27.69 5.88 -18.42
N GLN B 187 27.91 4.56 -18.46
CA GLN B 187 29.23 3.99 -18.77
C GLN B 187 29.44 3.66 -20.25
N GLU B 188 28.49 2.92 -20.85
CA GLU B 188 28.53 2.58 -22.28
C GLU B 188 27.55 3.47 -23.06
N LYS B 189 27.82 4.78 -23.03
CA LYS B 189 26.92 5.79 -23.59
C LYS B 189 26.60 5.56 -25.05
N ARG B 190 27.61 5.18 -25.84
CA ARG B 190 27.45 4.92 -27.27
C ARG B 190 26.42 3.83 -27.52
N LYS B 191 26.41 2.82 -26.65
CA LYS B 191 25.42 1.75 -26.73
C LYS B 191 24.01 2.29 -26.49
N VAL B 192 23.89 3.23 -25.54
CA VAL B 192 22.60 3.87 -25.22
C VAL B 192 22.15 4.83 -26.32
N GLU B 193 23.09 5.64 -26.81
CA GLU B 193 22.85 6.53 -27.96
C GLU B 193 22.35 5.75 -29.16
N GLN B 194 23.01 4.63 -29.46
CA GLN B 194 22.59 3.78 -30.57
C GLN B 194 21.16 3.26 -30.34
N LEU B 195 20.91 2.73 -29.14
CA LEU B 195 19.58 2.25 -28.79
C LEU B 195 18.56 3.38 -28.90
N GLN B 196 18.89 4.54 -28.33
CA GLN B 196 18.03 5.72 -28.43
C GLN B 196 17.70 6.03 -29.88
N TYR B 197 18.72 6.07 -30.73
CA TYR B 197 18.50 6.39 -32.13
C TYR B 197 17.51 5.43 -32.79
N ASN B 198 17.74 4.13 -32.59
CA ASN B 198 16.90 3.11 -33.23
C ASN B 198 15.43 3.25 -32.79
N LEU B 199 15.23 3.52 -31.50
CA LEU B 199 13.89 3.78 -30.98
C LEU B 199 13.24 5.03 -31.57
N GLU B 200 14.06 6.06 -31.83
CA GLU B 200 13.60 7.28 -32.50
C GLU B 200 13.17 6.97 -33.92
N LEU B 201 13.97 6.19 -34.65
CA LEU B 201 13.59 5.72 -35.98
C LEU B 201 12.27 4.95 -35.94
N ALA B 202 12.10 4.07 -34.95
CA ALA B 202 10.87 3.30 -34.79
C ALA B 202 9.68 4.21 -34.52
N PHE B 203 9.85 5.13 -33.58
CA PHE B 203 8.80 6.10 -33.23
C PHE B 203 8.40 6.91 -34.45
N HIS B 204 9.40 7.47 -35.13
CA HIS B 204 9.15 8.31 -36.31
C HIS B 204 8.52 7.52 -37.46
N HIS B 205 8.94 6.27 -37.64
CA HIS B 205 8.35 5.43 -38.66
C HIS B 205 6.86 5.20 -38.39
N HIS B 206 6.53 4.87 -37.14
CA HIS B 206 5.13 4.60 -36.78
C HIS B 206 4.27 5.85 -36.94
N LEU B 207 4.78 6.99 -36.47
CA LEU B 207 4.09 8.27 -36.61
C LEU B 207 3.87 8.63 -38.09
N CYS B 208 4.92 8.50 -38.90
CA CYS B 208 4.82 8.81 -40.33
C CYS B 208 3.76 7.95 -41.01
N LYS B 209 3.77 6.66 -40.70
CA LYS B 209 2.81 5.70 -41.25
C LYS B 209 1.34 6.07 -40.91
N THR B 210 1.11 6.66 -39.74
CA THR B 210 -0.23 7.04 -39.31
C THR B 210 -0.53 8.55 -39.42
N HIS B 211 0.31 9.28 -40.13
CA HIS B 211 0.14 10.74 -40.30
C HIS B 211 0.08 11.49 -38.96
N ARG B 212 0.97 11.13 -38.04
CA ARG B 212 0.98 11.72 -36.70
C ARG B 212 2.33 12.33 -36.29
N GLN B 213 3.22 12.60 -37.24
CA GLN B 213 4.53 13.21 -36.90
C GLN B 213 4.35 14.63 -36.33
N SER B 214 3.20 15.25 -36.58
CA SER B 214 2.89 16.58 -36.06
C SER B 214 2.88 16.67 -34.52
N ILE B 215 2.74 15.54 -33.84
CA ILE B 215 2.76 15.54 -32.37
C ILE B 215 4.18 15.72 -31.78
N LEU B 216 5.22 15.45 -32.57
CA LEU B 216 6.61 15.54 -32.07
C LEU B 216 6.94 16.90 -31.46
N ALA B 217 6.57 17.96 -32.17
CA ALA B 217 6.80 19.33 -31.70
C ALA B 217 5.97 19.68 -30.47
N LYS B 218 4.93 18.89 -30.19
CA LYS B 218 4.02 19.17 -29.09
C LYS B 218 4.30 18.36 -27.83
N LEU B 219 5.30 17.48 -27.88
CA LEU B 219 5.69 16.71 -26.70
C LEU B 219 6.25 17.62 -25.60
N PRO B 220 6.13 17.18 -24.33
CA PRO B 220 6.66 17.92 -23.18
C PRO B 220 8.06 18.46 -23.43
N PRO B 221 8.30 19.74 -23.11
CA PRO B 221 9.60 20.34 -23.40
C PRO B 221 10.79 19.75 -22.63
N LYS B 222 11.97 20.27 -22.96
CA LYS B 222 13.22 19.88 -22.30
C LYS B 222 13.30 20.46 -20.89
N GLY B 223 13.09 19.60 -19.89
CA GLY B 223 13.19 20.01 -18.48
C GLY B 223 11.89 19.96 -17.70
N LYS B 224 10.79 19.69 -18.39
CA LYS B 224 9.47 19.63 -17.76
C LYS B 224 9.34 18.38 -16.87
N LEU B 225 9.71 17.25 -17.43
CA LEU B 225 9.66 15.98 -16.70
C LEU B 225 10.65 15.99 -15.53
N ARG B 226 11.84 16.55 -15.76
CA ARG B 226 12.83 16.65 -14.70
C ARG B 226 12.32 17.50 -13.54
N SER B 227 11.72 18.65 -13.87
CA SER B 227 11.11 19.51 -12.85
C SER B 227 10.09 18.78 -11.95
N LEU B 228 9.15 18.07 -12.56
CA LEU B 228 8.15 17.31 -11.79
C LEU B 228 8.79 16.30 -10.84
N CYS B 229 9.81 15.58 -11.32
CA CYS B 229 10.52 14.60 -10.49
C CYS B 229 11.27 15.29 -9.37
N SER B 230 11.89 16.43 -9.69
CA SER B 230 12.60 17.21 -8.69
C SER B 230 11.65 17.73 -7.60
N GLN B 231 10.46 18.18 -7.99
CA GLN B 231 9.49 18.67 -7.00
C GLN B 231 9.05 17.52 -6.09
N HIS B 232 8.80 16.34 -6.66
CA HIS B 232 8.41 15.17 -5.88
C HIS B 232 9.46 14.86 -4.79
N VAL B 233 10.73 14.80 -5.20
CA VAL B 233 11.84 14.56 -4.27
C VAL B 233 11.86 15.64 -3.19
N GLU B 234 11.66 16.88 -3.60
CA GLU B 234 11.65 18.01 -2.69
C GLU B 234 10.50 17.91 -1.67
N ARG B 235 9.30 17.56 -2.15
CA ARG B 235 8.15 17.43 -1.25
C ARG B 235 8.27 16.23 -0.33
N LEU B 236 8.87 15.15 -0.84
CA LEU B 236 9.19 14.00 0.00
C LEU B 236 10.20 14.38 1.11
N GLN B 237 11.16 15.22 0.78
CA GLN B 237 12.15 15.69 1.77
C GLN B 237 11.43 16.46 2.91
N ILE B 238 10.43 17.26 2.54
CA ILE B 238 9.61 17.99 3.50
C ILE B 238 8.77 17.03 4.36
N PHE B 239 8.16 16.04 3.72
CA PHE B 239 7.44 15.04 4.46
C PHE B 239 8.35 14.23 5.40
N GLN B 240 9.51 13.81 4.91
N GLN B 240 9.51 13.83 4.88
CA GLN B 240 10.40 12.94 5.69
CA GLN B 240 10.48 12.99 5.58
C GLN B 240 10.91 13.62 6.95
C GLN B 240 10.89 13.63 6.91
N HIS B 241 11.17 14.94 6.86
CA HIS B 241 11.54 15.71 8.04
C HIS B 241 10.38 15.89 9.02
N LEU B 242 9.15 15.98 8.51
CA LEU B 242 7.96 16.01 9.38
C LEU B 242 7.65 14.67 10.03
N HIS B 243 7.86 13.58 9.29
CA HIS B 243 7.49 12.23 9.75
C HIS B 243 8.55 11.17 9.42
N PRO B 244 9.75 11.26 10.06
CA PRO B 244 10.85 10.36 9.69
C PRO B 244 10.57 8.88 9.98
N ILE B 245 9.85 8.59 11.05
CA ILE B 245 9.63 7.20 11.46
C ILE B 245 8.72 6.48 10.48
N VAL B 246 7.67 7.14 10.01
CA VAL B 246 6.76 6.57 9.03
C VAL B 246 7.50 6.11 7.78
N VAL B 247 8.41 6.94 7.29
CA VAL B 247 9.14 6.60 6.08
C VAL B 247 9.96 5.33 6.31
N GLN B 248 10.67 5.26 7.43
CA GLN B 248 11.49 4.10 7.78
C GLN B 248 10.65 2.82 7.96
N ALA B 249 9.49 2.97 8.61
CA ALA B 249 8.66 1.84 8.99
C ALA B 249 7.76 1.29 7.90
N ALA B 250 7.23 2.17 7.05
CA ALA B 250 6.10 1.84 6.19
C ALA B 250 6.33 2.01 4.69
N PHE B 251 7.23 2.91 4.28
CA PHE B 251 7.44 3.18 2.86
C PHE B 251 8.17 2.02 2.18
N PRO B 252 7.79 1.69 0.94
CA PRO B 252 8.49 0.61 0.22
C PRO B 252 9.97 0.93 0.04
N PRO B 253 10.85 -0.06 0.28
CA PRO B 253 12.28 0.19 0.12
C PRO B 253 12.68 0.73 -1.26
N LEU B 254 12.03 0.26 -2.32
CA LEU B 254 12.29 0.75 -3.67
C LEU B 254 11.99 2.23 -3.77
N TYR B 255 10.90 2.65 -3.13
CA TYR B 255 10.51 4.05 -3.12
C TYR B 255 11.60 4.91 -2.49
N LYS B 256 12.07 4.49 -1.32
CA LYS B 256 13.11 5.24 -0.61
C LYS B 256 14.38 5.30 -1.44
N GLU B 257 14.78 4.18 -2.02
CA GLU B 257 16.00 4.12 -2.79
C GLU B 257 15.94 5.08 -3.97
N LEU B 258 14.79 5.13 -4.65
CA LEU B 258 14.65 6.00 -5.82
C LEU B 258 14.55 7.47 -5.46
N PHE B 259 13.95 7.79 -4.31
CA PHE B 259 13.52 9.17 -4.03
C PHE B 259 14.06 9.84 -2.76
N SER B 260 14.44 9.07 -1.75
CA SER B 260 14.84 9.66 -0.46
C SER B 260 16.19 10.35 -0.54
N THR B 261 16.37 11.35 0.32
CA THR B 261 17.63 12.08 0.44
C THR B 261 18.30 11.67 1.75
N HIS C 2 22.28 1.41 -4.57
CA HIS C 2 21.17 0.96 -5.47
C HIS C 2 20.90 -0.55 -5.35
N LYS C 3 20.95 -1.03 -4.11
CA LYS C 3 20.83 -2.47 -3.82
C LYS C 3 19.54 -3.08 -4.40
N ILE C 4 18.43 -2.37 -4.25
CA ILE C 4 17.12 -2.89 -4.64
C ILE C 4 16.94 -2.95 -6.17
N LEU C 5 17.28 -1.89 -6.88
CA LEU C 5 17.19 -1.90 -8.34
C LEU C 5 18.05 -3.01 -8.93
N HIS C 6 19.24 -3.19 -8.35
CA HIS C 6 20.14 -4.27 -8.76
C HIS C 6 19.48 -5.64 -8.66
N ARG C 7 18.82 -5.90 -7.54
CA ARG C 7 18.13 -7.18 -7.34
C ARG C 7 16.97 -7.35 -8.32
N LEU C 8 16.24 -6.26 -8.55
CA LEU C 8 15.15 -6.25 -9.52
C LEU C 8 15.63 -6.58 -10.93
N LEU C 9 16.81 -6.10 -11.28
CA LEU C 9 17.37 -6.29 -12.62
C LEU C 9 18.10 -7.63 -12.75
N GLN C 10 19.08 -7.84 -11.88
CA GLN C 10 19.91 -9.04 -11.92
C GLN C 10 19.32 -10.13 -11.02
N HIS D 2 14.89 -5.80 16.35
CA HIS D 2 13.57 -5.08 16.31
C HIS D 2 13.74 -3.57 16.17
N LYS D 3 14.53 -3.17 15.17
CA LYS D 3 14.88 -1.77 14.92
C LYS D 3 13.65 -0.89 14.71
N ILE D 4 12.71 -1.36 13.89
CA ILE D 4 11.57 -0.53 13.53
C ILE D 4 10.62 -0.34 14.71
N LEU D 5 10.23 -1.42 15.37
CA LEU D 5 9.35 -1.35 16.55
C LEU D 5 9.95 -0.42 17.62
N HIS D 6 11.23 -0.59 17.90
CA HIS D 6 11.93 0.28 18.83
C HIS D 6 11.77 1.76 18.43
N ARG D 7 11.97 2.07 17.16
CA ARG D 7 11.86 3.45 16.69
C ARG D 7 10.44 3.99 16.86
N LEU D 8 9.46 3.15 16.51
CA LEU D 8 8.05 3.53 16.66
C LEU D 8 7.67 3.87 18.10
N LEU D 9 8.32 3.22 19.06
CA LEU D 9 7.99 3.42 20.48
C LEU D 9 8.62 4.66 21.11
N GLN D 10 9.52 5.32 20.40
CA GLN D 10 10.14 6.54 20.91
C GLN D 10 9.22 7.76 20.79
N ASP D 11 9.54 8.79 21.57
CA ASP D 11 8.72 10.01 21.78
C ASP D 11 7.61 9.80 22.81
C01 NBH E . -6.14 -8.76 8.64
C02 NBH E . -6.20 -10.22 8.26
C03 NBH E . -6.69 -10.58 6.77
N04 NBH E . -5.77 -10.32 5.66
C05 NBH E . -4.83 -11.44 5.44
C06 NBH E . -3.51 -11.13 4.83
C07 NBH E . -2.94 -12.04 3.90
C08 NBH E . -1.69 -11.76 3.31
C09 NBH E . -1.00 -10.61 3.63
C10 NBH E . -1.56 -9.71 4.56
C11 NBH E . -2.83 -9.97 5.16
C12 NBH E . -6.45 -9.86 4.42
C13 NBH E . -7.12 -8.47 4.48
C14 NBH E . -6.35 -7.32 4.60
C15 NBH E . -6.97 -6.06 4.68
C16 NBH E . -8.37 -5.95 4.63
N17 NBH E . -9.11 -4.73 4.70
C18 NBH E . -8.60 -3.46 5.12
O19 NBH E . -7.48 -3.29 5.47
C20 NBH E . -9.56 -2.28 5.17
C21 NBH E . -9.89 -1.98 6.62
C22 NBH E . -10.65 -2.93 7.34
C23 NBH E . -10.95 -2.70 8.71
C24 NBH E . -10.49 -1.52 9.35
C25 NBH E . -9.71 -0.59 8.63
C26 NBH E . -9.40 -0.80 7.26
S27 NBH E . -10.85 -1.26 11.05
O28 NBH E . -11.19 0.11 11.28
O29 NBH E . -12.01 -2.00 11.52
C30 NBH E . -9.36 -1.73 11.99
C31 NBH E . -8.70 -3.11 11.65
C32 NBH E . -9.13 -7.14 4.51
C33 NBH E . -8.53 -8.38 4.44
C1 DMX F . 4.84 -6.98 -14.17
C2 DMX F . 5.63 -6.41 -13.12
C3 DMX F . 6.59 -7.17 -12.47
C4 DMX F . 6.79 -8.51 -12.83
C5 DMX F . 6.00 -9.08 -13.89
C6 DMX F . 5.03 -8.31 -14.54
C7 DMX F . 7.85 -9.39 -12.11
N8 DMX F . 7.48 -9.91 -10.76
C9 DMX F . 8.26 -11.05 -10.27
C10 DMX F . 10.46 -10.80 -8.82
S11 DMX F . 10.35 -12.11 -7.57
C12 DMX F . 7.50 -8.84 -9.76
O14 DMX F . 9.80 -13.32 -8.12
O15 DMX F . 11.64 -12.55 -7.10
O16 DMX F . 9.57 -11.62 -6.42
C17 DMX F . 9.76 -10.96 -10.18
C01 NBH G . 2.38 9.56 -10.05
C02 NBH G . 2.37 10.99 -9.58
C03 NBH G . 1.12 11.44 -8.67
N04 NBH G . 1.15 11.04 -7.28
C05 NBH G . 1.96 11.95 -6.46
C06 NBH G . 2.60 11.39 -5.24
C07 NBH G . 3.08 10.05 -5.28
C08 NBH G . 3.69 9.48 -4.12
C09 NBH G . 3.80 10.22 -2.97
C10 NBH G . 3.32 11.57 -2.93
C11 NBH G . 2.71 12.12 -4.09
C12 NBH G . -0.22 10.81 -6.71
C13 NBH G . -1.00 9.64 -7.32
C14 NBH G . -0.63 8.33 -7.04
C15 NBH G . -1.34 7.26 -7.60
C16 NBH G . -2.44 7.51 -8.44
N17 NBH G . -3.23 6.50 -9.04
C18 NBH G . -2.87 5.11 -9.16
O19 NBH G . -1.83 4.65 -8.80
C20 NBH G . -3.84 4.18 -9.85
C21 NBH G . -3.36 3.88 -11.25
C22 NBH G . -3.26 4.93 -12.18
C23 NBH G . -2.79 4.68 -13.50
C24 NBH G . -2.39 3.36 -13.86
C25 NBH G . -2.46 2.30 -12.90
C26 NBH G . -2.93 2.55 -11.60
S27 NBH G . -1.78 3.01 -15.46
O28 NBH G . -2.24 3.93 -16.46
O29 NBH G . -2.29 1.73 -15.91
C30 NBH G . 0.05 3.01 -15.37
C31 NBH G . 0.75 4.13 -14.51
C32 NBH G . -2.81 8.85 -8.70
C33 NBH G . -2.10 9.89 -8.17
C1 DMX H . -2.76 7.07 14.95
C2 DMX H . -1.84 6.11 14.42
C3 DMX H . -0.47 6.36 14.40
C4 DMX H . 0.00 7.58 14.90
C5 DMX H . -0.91 8.55 15.42
C6 DMX H . -2.28 8.29 15.44
C7 DMX H . 1.51 7.90 14.88
N8 DMX H . 1.97 8.67 13.69
C9 DMX H . 3.18 9.44 13.88
C10 DMX H . 5.77 9.49 14.16
S11 DMX H . 6.77 10.28 12.90
C12 DMX H . 2.10 7.79 12.52
O14 DMX H . 6.68 9.53 11.67
O15 DMX H . 8.19 10.16 13.16
O16 DMX H . 6.35 11.68 12.75
C17 DMX H . 4.51 8.77 13.66
#